data_5SBO
#
_entry.id   5SBO
#
_cell.length_a   30.735
_cell.length_b   81.362
_cell.length_c   31.989
_cell.angle_alpha   90.000
_cell.angle_beta   117.950
_cell.angle_gamma   90.000
#
_symmetry.space_group_name_H-M   'P 1 21 1'
#
loop_
_entity.id
_entity.type
_entity.pdbx_description
1 polymer 'CD44 antigen'
2 non-polymer 4-[(3,4-dimethoxyphenyl)methyl]morpholine
3 non-polymer 'DIMETHYL SULFOXIDE'
4 non-polymer 1,2-ETHANEDIOL
5 water water
#
_entity_poly.entity_id   1
_entity_poly.type   'polypeptide(L)'
_entity_poly.pdbx_seq_one_letter_code
;MNQIDLNVTCRYAGVFHVEKNGRYSISRTEAADLCQAFNSTLPTMDQMKLALSKGFETCRYGFIEGNVVIPRIHPNAICA
ANHTGVYILVTSNTSHYDTYCFNASAPPEEDCTSVTDLPNSFDGPVTITIVNRDGTRYSKKGEYRTHQEDID
;
_entity_poly.pdbx_strand_id   A
#
loop_
_chem_comp.id
_chem_comp.type
_chem_comp.name
_chem_comp.formula
8A5 non-polymer 4-[(3,4-dimethoxyphenyl)methyl]morpholine 'C13 H19 N O3'
DMS non-polymer 'DIMETHYL SULFOXIDE' 'C2 H6 O S'
EDO non-polymer 1,2-ETHANEDIOL 'C2 H6 O2'
#
# COMPACT_ATOMS: atom_id res chain seq x y z
N ASN A 2 3.32 21.45 1.68
CA ASN A 2 2.92 20.37 2.60
C ASN A 2 2.16 19.35 1.78
N GLN A 3 2.88 18.42 1.16
CA GLN A 3 2.30 17.50 0.21
C GLN A 3 2.80 16.08 0.41
N ILE A 4 1.90 15.12 0.19
CA ILE A 4 2.26 13.71 0.24
C ILE A 4 1.72 13.06 -1.02
N ASP A 5 2.57 12.33 -1.75
N ASP A 5 2.56 12.29 -1.71
CA ASP A 5 2.12 11.56 -2.90
CA ASP A 5 2.18 11.52 -2.87
C ASP A 5 1.99 10.11 -2.43
C ASP A 5 2.00 10.09 -2.41
N LEU A 6 0.88 9.47 -2.80
CA LEU A 6 0.63 8.07 -2.47
C LEU A 6 0.43 7.36 -3.76
N ASN A 7 1.43 6.64 -4.23
CA ASN A 7 1.30 5.87 -5.46
C ASN A 7 0.61 4.59 -5.11
N VAL A 8 -0.49 4.28 -5.82
CA VAL A 8 -1.28 3.08 -5.53
C VAL A 8 -1.40 2.18 -6.78
N THR A 9 -1.68 0.93 -6.52
CA THR A 9 -1.79 -0.04 -7.59
C THR A 9 -3.27 -0.48 -7.81
N CYS A 10 -3.46 -1.41 -8.77
CA CYS A 10 -4.63 -2.27 -8.91
C CYS A 10 -4.83 -2.95 -7.56
N ARG A 11 -6.05 -3.35 -7.32
CA ARG A 11 -6.39 -4.17 -6.20
C ARG A 11 -6.57 -5.59 -6.71
N TYR A 12 -6.10 -6.52 -5.93
CA TYR A 12 -6.17 -7.97 -6.21
C TYR A 12 -6.76 -8.62 -5.01
N ALA A 13 -8.00 -9.05 -5.14
CA ALA A 13 -8.75 -9.58 -4.01
C ALA A 13 -8.76 -8.57 -2.84
N GLY A 14 -8.82 -7.28 -3.20
CA GLY A 14 -8.86 -6.18 -2.25
C GLY A 14 -7.50 -5.71 -1.76
N VAL A 15 -6.44 -6.39 -2.13
CA VAL A 15 -5.11 -5.99 -1.69
C VAL A 15 -4.46 -5.06 -2.68
N PHE A 16 -3.80 -4.03 -2.17
CA PHE A 16 -3.08 -3.10 -3.04
C PHE A 16 -1.85 -2.59 -2.37
N HIS A 17 -0.94 -1.99 -3.15
CA HIS A 17 0.32 -1.48 -2.66
C HIS A 17 0.27 0.04 -2.67
N VAL A 18 0.87 0.64 -1.65
CA VAL A 18 0.94 2.08 -1.53
C VAL A 18 2.38 2.45 -1.27
N GLU A 19 2.94 3.32 -2.09
CA GLU A 19 4.27 3.83 -1.89
C GLU A 19 4.14 5.32 -1.60
N LYS A 20 4.77 5.80 -0.53
CA LYS A 20 4.70 7.20 -0.16
CA LYS A 20 4.70 7.21 -0.18
C LYS A 20 5.91 7.95 -0.65
N ASN A 21 5.69 9.04 -1.40
CA ASN A 21 6.73 9.94 -1.91
C ASN A 21 7.88 9.27 -2.65
N GLY A 22 7.57 8.22 -3.36
CA GLY A 22 8.51 7.50 -4.21
C GLY A 22 9.75 7.01 -3.48
N ARG A 23 9.59 6.69 -2.20
CA ARG A 23 10.67 6.19 -1.37
C ARG A 23 10.10 5.31 -0.27
N TYR A 24 10.90 4.36 0.25
CA TYR A 24 10.50 3.56 1.43
C TYR A 24 10.49 4.52 2.59
N SER A 25 9.31 4.90 3.02
CA SER A 25 9.17 5.99 3.99
C SER A 25 8.00 5.89 4.94
N ILE A 26 7.42 4.70 5.04
CA ILE A 26 6.30 4.49 5.92
C ILE A 26 6.70 3.62 7.10
N SER A 27 6.35 4.01 8.33
CA SER A 27 6.59 3.17 9.52
C SER A 27 5.42 2.19 9.67
N ARG A 28 5.54 1.19 10.55
CA ARG A 28 4.41 0.28 10.77
C ARG A 28 3.19 1.02 11.31
N THR A 29 3.37 1.94 12.26
CA THR A 29 2.23 2.70 12.77
C THR A 29 1.58 3.54 11.69
N GLU A 30 2.41 4.18 10.86
CA GLU A 30 1.89 5.02 9.78
CA GLU A 30 1.88 5.01 9.80
C GLU A 30 1.10 4.17 8.79
N ALA A 31 1.60 2.96 8.51
CA ALA A 31 0.97 2.08 7.55
C ALA A 31 -0.45 1.73 7.96
N ALA A 32 -0.67 1.42 9.25
CA ALA A 32 -2.02 1.09 9.71
C ALA A 32 -2.96 2.30 9.55
N ASP A 33 -2.46 3.50 9.87
CA ASP A 33 -3.22 4.75 9.73
C ASP A 33 -3.51 5.04 8.26
N LEU A 34 -2.52 4.78 7.40
CA LEU A 34 -2.66 5.02 5.97
CA LEU A 34 -2.65 5.02 5.97
C LEU A 34 -3.74 4.13 5.40
N CYS A 35 -3.68 2.82 5.73
CA CYS A 35 -4.71 1.89 5.24
C CYS A 35 -6.06 2.28 5.79
N GLN A 36 -6.13 2.75 7.05
CA GLN A 36 -7.39 3.17 7.66
C GLN A 36 -8.00 4.33 6.87
N ALA A 37 -7.16 5.24 6.32
CA ALA A 37 -7.67 6.33 5.50
C ALA A 37 -8.32 5.82 4.21
N PHE A 38 -7.93 4.62 3.73
CA PHE A 38 -8.56 4.01 2.55
C PHE A 38 -9.67 3.04 3.01
N ASN A 39 -10.18 3.15 4.26
CA ASN A 39 -11.16 2.21 4.82
C ASN A 39 -10.68 0.77 4.65
N SER A 40 -9.38 0.58 4.91
CA SER A 40 -8.66 -0.62 4.66
C SER A 40 -7.83 -0.97 5.85
N THR A 41 -7.26 -2.16 5.83
CA THR A 41 -6.45 -2.61 6.94
C THR A 41 -5.19 -3.21 6.37
N LEU A 42 -4.18 -3.44 7.24
CA LEU A 42 -3.00 -4.16 6.75
CA LEU A 42 -2.98 -4.17 6.80
C LEU A 42 -3.44 -5.57 6.40
N PRO A 43 -3.10 -6.07 5.20
CA PRO A 43 -3.56 -7.42 4.84
C PRO A 43 -3.02 -8.47 5.77
N THR A 44 -3.77 -9.56 5.92
CA THR A 44 -3.24 -10.71 6.63
C THR A 44 -2.40 -11.48 5.62
N MET A 45 -1.52 -12.38 6.09
CA MET A 45 -0.74 -13.22 5.18
C MET A 45 -1.70 -14.01 4.25
N ASP A 46 -2.81 -14.52 4.80
CA ASP A 46 -3.78 -15.22 3.92
C ASP A 46 -4.37 -14.32 2.85
N GLN A 47 -4.78 -13.10 3.22
CA GLN A 47 -5.31 -12.17 2.23
C GLN A 47 -4.25 -11.86 1.16
N MET A 48 -2.98 -11.70 1.57
CA MET A 48 -1.94 -11.40 0.58
C MET A 48 -1.70 -12.60 -0.34
N LYS A 49 -1.78 -13.83 0.22
CA LYS A 49 -1.57 -15.02 -0.63
C LYS A 49 -2.66 -15.12 -1.66
N LEU A 50 -3.92 -14.83 -1.27
CA LEU A 50 -5.01 -14.92 -2.25
C LEU A 50 -4.84 -13.83 -3.31
N ALA A 51 -4.45 -12.62 -2.91
CA ALA A 51 -4.19 -11.52 -3.85
C ALA A 51 -3.13 -11.96 -4.88
N LEU A 52 -2.04 -12.57 -4.40
CA LEU A 52 -0.98 -13.11 -5.24
CA LEU A 52 -0.99 -13.08 -5.26
C LEU A 52 -1.55 -14.12 -6.25
N SER A 53 -2.41 -15.03 -5.77
CA SER A 53 -2.98 -16.03 -6.69
C SER A 53 -3.83 -15.40 -7.79
N LYS A 54 -4.36 -14.18 -7.56
CA LYS A 54 -5.17 -13.46 -8.55
C LYS A 54 -4.33 -12.62 -9.52
N GLY A 55 -3.02 -12.52 -9.31
CA GLY A 55 -2.19 -11.78 -10.24
C GLY A 55 -1.35 -10.68 -9.61
N PHE A 56 -1.39 -10.52 -8.29
CA PHE A 56 -0.66 -9.45 -7.63
C PHE A 56 0.78 -9.75 -7.43
N GLU A 57 1.63 -8.85 -7.92
CA GLU A 57 3.05 -8.90 -7.57
C GLU A 57 3.62 -7.50 -7.60
N THR A 58 4.61 -7.25 -6.74
CA THR A 58 5.30 -5.95 -6.79
C THR A 58 6.80 -6.26 -6.71
N CYS A 59 7.63 -5.20 -6.79
CA CYS A 59 9.03 -5.37 -6.54
C CYS A 59 9.45 -4.47 -5.38
N ARG A 60 8.59 -4.33 -4.36
CA ARG A 60 8.78 -3.43 -3.24
C ARG A 60 8.40 -4.07 -1.92
N TYR A 61 9.24 -3.86 -0.90
CA TYR A 61 8.89 -4.31 0.43
C TYR A 61 7.78 -3.47 0.99
N GLY A 62 6.80 -4.11 1.60
CA GLY A 62 5.73 -3.36 2.26
C GLY A 62 5.13 -4.14 3.40
N PHE A 63 4.57 -3.41 4.37
CA PHE A 63 3.95 -4.04 5.51
C PHE A 63 2.68 -4.77 5.15
N ILE A 64 2.52 -5.91 5.80
CA ILE A 64 1.27 -6.61 5.96
C ILE A 64 1.13 -6.77 7.47
N GLU A 65 0.09 -7.43 7.97
CA GLU A 65 -0.01 -7.69 9.39
C GLU A 65 1.10 -8.69 9.76
N GLY A 66 1.96 -8.29 10.67
CA GLY A 66 2.99 -9.16 11.22
C GLY A 66 4.31 -9.22 10.50
N ASN A 67 4.33 -8.82 9.22
CA ASN A 67 5.55 -8.96 8.46
C ASN A 67 5.72 -7.87 7.43
N VAL A 68 6.90 -7.83 6.78
CA VAL A 68 7.22 -7.00 5.65
C VAL A 68 7.49 -7.95 4.51
N VAL A 69 6.72 -7.80 3.41
CA VAL A 69 6.80 -8.80 2.35
C VAL A 69 6.83 -8.17 0.96
N ILE A 70 7.15 -9.03 -0.03
CA ILE A 70 7.02 -8.73 -1.43
C ILE A 70 6.26 -9.89 -2.04
N PRO A 71 5.08 -9.65 -2.63
CA PRO A 71 4.39 -10.74 -3.34
C PRO A 71 5.05 -10.90 -4.71
N ARG A 72 5.43 -12.11 -5.08
CA ARG A 72 6.08 -12.39 -6.35
C ARG A 72 5.43 -13.51 -7.11
N ILE A 73 5.19 -13.27 -8.38
CA ILE A 73 4.69 -14.31 -9.25
C ILE A 73 5.86 -14.78 -10.08
N HIS A 74 6.58 -13.85 -10.77
CA HIS A 74 7.67 -14.25 -11.66
C HIS A 74 8.99 -14.08 -10.97
N PRO A 75 9.89 -15.05 -11.10
CA PRO A 75 11.19 -14.93 -10.44
C PRO A 75 12.01 -13.85 -11.14
N ASN A 76 12.43 -12.84 -10.38
CA ASN A 76 13.27 -11.77 -10.91
C ASN A 76 14.40 -11.62 -9.92
N ALA A 77 15.66 -11.69 -10.40
CA ALA A 77 16.82 -11.62 -9.51
C ALA A 77 16.92 -10.36 -8.64
N ILE A 78 16.34 -9.25 -9.07
CA ILE A 78 16.40 -8.01 -8.30
C ILE A 78 15.13 -7.74 -7.50
N CYS A 79 14.20 -8.72 -7.43
CA CYS A 79 12.95 -8.58 -6.67
C CYS A 79 12.84 -9.75 -5.78
N ALA A 80 12.95 -9.53 -4.46
CA ALA A 80 12.82 -10.59 -3.47
C ALA A 80 13.81 -11.73 -3.71
N ALA A 81 15.01 -11.40 -4.22
CA ALA A 81 16.08 -12.36 -4.45
C ALA A 81 15.65 -13.58 -5.29
N ASN A 82 14.89 -13.33 -6.37
CA ASN A 82 14.44 -14.35 -7.33
C ASN A 82 13.39 -15.32 -6.80
N HIS A 83 12.81 -15.03 -5.64
CA HIS A 83 11.81 -15.91 -5.05
C HIS A 83 10.45 -15.66 -5.68
N THR A 84 9.56 -16.64 -5.55
CA THR A 84 8.16 -16.51 -5.95
C THR A 84 7.34 -16.74 -4.67
N GLY A 85 6.05 -16.41 -4.71
CA GLY A 85 5.20 -16.47 -3.55
C GLY A 85 5.33 -15.20 -2.75
N VAL A 86 4.75 -15.19 -1.57
CA VAL A 86 4.85 -14.03 -0.71
C VAL A 86 6.20 -14.13 -0.04
N TYR A 87 7.15 -13.32 -0.47
CA TYR A 87 8.49 -13.35 0.10
C TYR A 87 8.48 -12.52 1.35
N ILE A 88 8.98 -13.11 2.43
CA ILE A 88 9.03 -12.43 3.71
C ILE A 88 10.42 -11.89 3.98
N LEU A 89 10.51 -10.58 4.25
CA LEU A 89 11.78 -9.97 4.63
C LEU A 89 12.18 -10.54 6.01
N VAL A 90 13.41 -11.07 6.11
CA VAL A 90 13.87 -11.69 7.34
C VAL A 90 14.82 -10.75 8.09
N THR A 91 15.82 -10.22 7.38
CA THR A 91 16.83 -9.45 8.04
C THR A 91 16.96 -8.11 7.43
N SER A 92 16.75 -7.09 8.25
CA SER A 92 16.96 -5.72 7.79
C SER A 92 17.33 -4.86 8.98
N ASN A 93 18.17 -3.85 8.78
CA ASN A 93 18.49 -2.95 9.87
C ASN A 93 17.36 -1.96 10.14
N THR A 94 16.56 -1.67 9.12
CA THR A 94 15.72 -0.50 9.06
C THR A 94 14.24 -0.75 9.13
N SER A 95 13.46 0.28 9.47
CA SER A 95 12.06 0.16 9.83
C SER A 95 11.07 0.70 8.87
N HIS A 96 11.50 1.44 7.83
CA HIS A 96 10.54 2.10 6.93
C HIS A 96 10.46 1.45 5.58
N TYR A 97 9.22 1.19 5.14
CA TYR A 97 9.00 0.45 3.92
C TYR A 97 7.79 1.10 3.21
N ASP A 98 7.26 0.46 2.18
CA ASP A 98 5.97 0.88 1.62
C ASP A 98 4.93 0.12 2.48
N THR A 99 3.64 0.15 2.06
CA THR A 99 2.67 -0.68 2.72
C THR A 99 1.78 -1.33 1.74
N TYR A 100 1.17 -2.43 2.18
CA TYR A 100 0.05 -3.01 1.47
C TYR A 100 -1.17 -2.68 2.31
N CYS A 101 -2.32 -2.62 1.66
CA CYS A 101 -3.60 -2.34 2.31
C CYS A 101 -4.61 -3.32 1.73
N PHE A 102 -5.66 -3.62 2.51
CA PHE A 102 -6.68 -4.55 2.11
C PHE A 102 -8.05 -3.89 2.29
N ASN A 103 -8.80 -3.78 1.21
CA ASN A 103 -10.12 -3.20 1.20
CA ASN A 103 -10.12 -3.22 1.26
C ASN A 103 -11.10 -4.35 0.98
N ALA A 104 -11.82 -4.75 2.02
CA ALA A 104 -12.75 -5.86 1.94
C ALA A 104 -13.90 -5.62 0.96
N SER A 105 -14.21 -4.35 0.63
CA SER A 105 -15.31 -4.03 -0.30
CA SER A 105 -15.32 -4.08 -0.30
C SER A 105 -14.89 -3.97 -1.76
N ALA A 106 -13.59 -4.16 -2.05
CA ALA A 106 -13.07 -4.15 -3.38
C ALA A 106 -13.54 -5.42 -4.09
N PRO A 107 -13.42 -5.44 -5.43
CA PRO A 107 -13.84 -6.64 -6.17
C PRO A 107 -13.00 -7.87 -5.80
N PRO A 108 -13.56 -9.06 -6.00
CA PRO A 108 -12.85 -10.28 -5.56
C PRO A 108 -11.57 -10.66 -6.31
N GLU A 109 -11.41 -10.20 -7.58
CA GLU A 109 -10.27 -10.63 -8.34
C GLU A 109 -9.42 -9.41 -8.72
N GLU A 110 -9.02 -9.25 -9.98
CA GLU A 110 -8.20 -8.10 -10.37
C GLU A 110 -9.08 -6.91 -10.58
N ASP A 111 -8.76 -5.82 -9.91
CA ASP A 111 -9.43 -4.57 -10.14
C ASP A 111 -8.37 -3.55 -10.50
N CYS A 112 -8.18 -3.33 -11.78
CA CYS A 112 -7.21 -2.36 -12.25
C CYS A 112 -7.82 -1.05 -12.68
N THR A 113 -8.98 -0.71 -12.09
CA THR A 113 -9.51 0.63 -12.21
C THR A 113 -8.67 1.51 -11.27
N SER A 114 -8.70 2.79 -11.49
CA SER A 114 -7.95 3.73 -10.69
C SER A 114 -8.66 4.06 -9.39
N VAL A 115 -7.87 4.49 -8.40
CA VAL A 115 -8.34 4.93 -7.09
C VAL A 115 -8.71 6.41 -7.21
N THR A 116 -9.93 6.77 -6.84
CA THR A 116 -10.46 8.11 -7.01
C THR A 116 -10.93 8.74 -5.71
N ASP A 117 -10.46 8.25 -4.56
CA ASP A 117 -10.89 8.81 -3.29
C ASP A 117 -9.95 8.33 -2.20
N LEU A 118 -9.92 9.06 -1.10
CA LEU A 118 -9.21 8.70 0.14
C LEU A 118 -10.32 8.92 1.15
N PRO A 119 -11.23 7.93 1.28
CA PRO A 119 -12.51 8.18 1.93
C PRO A 119 -12.50 8.46 3.41
N ASN A 120 -11.48 7.99 4.10
CA ASN A 120 -11.45 8.08 5.54
C ASN A 120 -10.29 8.83 6.09
N SER A 121 -9.73 9.79 5.30
CA SER A 121 -8.72 10.66 5.87
C SER A 121 -9.51 11.67 6.76
N PHE A 122 -8.79 12.33 7.66
CA PHE A 122 -9.41 13.29 8.56
C PHE A 122 -8.90 14.69 8.29
N ASP A 123 -9.46 15.67 9.01
CA ASP A 123 -9.10 17.08 8.83
C ASP A 123 -7.63 17.28 9.05
N GLY A 124 -7.01 18.04 8.19
CA GLY A 124 -5.58 18.29 8.31
C GLY A 124 -5.08 19.23 7.24
N PRO A 125 -3.79 19.57 7.33
CA PRO A 125 -3.25 20.59 6.42
C PRO A 125 -2.51 20.08 5.19
N VAL A 126 -2.38 18.76 5.02
CA VAL A 126 -1.57 18.21 3.95
C VAL A 126 -2.36 18.05 2.67
N THR A 127 -1.75 18.38 1.50
CA THR A 127 -2.40 18.06 0.24
C THR A 127 -1.93 16.63 -0.06
N ILE A 128 -2.85 15.67 0.04
CA ILE A 128 -2.51 14.28 -0.20
C ILE A 128 -2.98 13.97 -1.60
N THR A 129 -2.08 13.44 -2.41
CA THR A 129 -2.40 13.11 -3.77
C THR A 129 -2.23 11.65 -4.00
N ILE A 130 -3.30 11.01 -4.42
CA ILE A 130 -3.28 9.60 -4.80
CA ILE A 130 -3.29 9.60 -4.79
C ILE A 130 -2.86 9.60 -6.24
N VAL A 131 -1.79 8.88 -6.54
CA VAL A 131 -1.26 8.79 -7.87
C VAL A 131 -1.43 7.39 -8.32
N ASN A 132 -2.24 7.21 -9.35
CA ASN A 132 -2.41 5.91 -9.94
C ASN A 132 -1.30 5.57 -10.89
N ARG A 133 -1.17 4.29 -11.24
CA ARG A 133 -0.16 3.83 -12.18
CA ARG A 133 -0.15 3.87 -12.18
C ARG A 133 -0.34 4.49 -13.57
N ASP A 134 -1.59 4.75 -13.95
CA ASP A 134 -1.86 5.41 -15.23
C ASP A 134 -1.70 6.93 -15.16
N GLY A 135 -1.22 7.46 -14.05
CA GLY A 135 -0.97 8.88 -13.91
C GLY A 135 -2.12 9.67 -13.37
N THR A 136 -3.35 9.09 -13.40
CA THR A 136 -4.50 9.86 -12.92
C THR A 136 -4.36 10.13 -11.45
N ARG A 137 -4.82 11.30 -11.04
CA ARG A 137 -4.64 11.75 -9.68
CA ARG A 137 -4.66 11.73 -9.67
C ARG A 137 -5.89 12.20 -8.98
N TYR A 138 -5.92 11.99 -7.65
CA TYR A 138 -7.01 12.48 -6.83
C TYR A 138 -6.30 13.18 -5.70
N SER A 139 -6.66 14.43 -5.42
CA SER A 139 -6.02 15.17 -4.34
C SER A 139 -7.03 15.70 -3.38
N LYS A 140 -6.65 15.71 -2.11
CA LYS A 140 -7.51 16.27 -1.08
CA LYS A 140 -7.53 16.16 -1.05
C LYS A 140 -6.68 16.79 0.05
N LYS A 141 -7.19 17.81 0.74
CA LYS A 141 -6.50 18.38 1.87
C LYS A 141 -6.94 17.54 3.07
N GLY A 142 -5.98 17.06 3.85
CA GLY A 142 -6.30 16.28 5.04
C GLY A 142 -5.09 15.78 5.76
N GLU A 143 -5.32 14.74 6.52
CA GLU A 143 -4.25 14.08 7.26
C GLU A 143 -4.72 12.65 7.54
N TYR A 144 -3.80 11.72 7.65
CA TYR A 144 -4.11 10.34 8.03
C TYR A 144 -3.20 9.87 9.19
N ARG A 145 -2.09 10.56 9.50
CA ARG A 145 -1.12 10.15 10.52
C ARG A 145 -1.57 10.56 11.88
N THR A 146 -1.87 9.56 12.71
CA THR A 146 -2.31 9.78 14.09
C THR A 146 -1.16 9.81 15.09
N HIS A 147 0.02 9.32 14.71
CA HIS A 147 1.18 9.30 15.61
C HIS A 147 2.09 10.46 15.22
N GLN A 148 2.36 11.37 16.15
CA GLN A 148 3.21 12.53 15.89
C GLN A 148 4.59 12.18 15.33
N GLU A 149 5.20 11.09 15.80
CA GLU A 149 6.55 10.71 15.33
C GLU A 149 6.60 10.25 13.88
N ASP A 150 5.45 10.02 13.24
CA ASP A 150 5.34 9.70 11.81
C ASP A 150 5.18 10.97 10.93
N ILE A 151 4.96 12.13 11.55
CA ILE A 151 4.76 13.42 10.88
C ILE A 151 6.08 14.20 10.83
C10 8A5 B . -5.40 18.18 15.71
C13 8A5 B . -5.93 16.63 13.36
C15 8A5 B . -2.29 20.99 11.65
C17 8A5 B . 0.09 20.48 12.01
C01 8A5 B . -3.45 24.13 10.15
O02 8A5 B . -2.62 23.14 10.83
C03 8A5 B . -3.14 21.89 11.13
C04 8A5 B . -4.48 21.52 10.90
C05 8A5 B . -4.91 20.32 11.23
C06 8A5 B . -4.04 19.39 11.79
C07 8A5 B . -4.57 17.94 12.14
N08 8A5 B . -5.32 17.89 13.23
C09 8A5 B . -4.65 18.38 14.36
O11 8A5 B . -5.95 16.91 15.82
C12 8A5 B . -6.67 16.43 14.72
C14 8A5 B . -2.73 19.73 11.99
O16 8A5 B . -1.00 21.44 11.83
S DMS C . -4.82 2.58 -12.34
O DMS C . -3.49 2.93 -12.93
C1 DMS C . -5.89 2.42 -13.76
C2 DMS C . -4.78 0.82 -11.87
S DMS D . 10.04 -19.52 -2.96
O DMS D . 10.69 -18.86 -4.16
C1 DMS D . 11.05 -20.95 -2.65
C2 DMS D . 8.67 -20.45 -3.58
S DMS E . -7.95 19.35 -3.29
O DMS E . -6.51 19.30 -2.91
C1 DMS E . -7.92 19.21 -5.05
C2 DMS E . -8.40 21.06 -3.18
C1 EDO F . -10.80 -3.95 5.16
O1 EDO F . -11.80 -3.09 4.61
C2 EDO F . -11.23 -4.51 6.54
O2 EDO F . -10.44 -5.66 6.89
C1 EDO G . -8.94 0.56 -2.38
C1 EDO G . -8.81 1.20 -2.32
O1 EDO G . -9.17 1.35 -1.22
O1 EDO G . -7.98 2.15 -2.96
C2 EDO G . -9.35 1.24 -3.65
C2 EDO G . -9.66 0.55 -3.37
O2 EDO G . -10.71 1.56 -3.50
O2 EDO G . -9.76 -0.81 -3.00
#